data_1UTR
#
_entry.id   1UTR
#
_cell.length_a   1.000
_cell.length_b   1.000
_cell.length_c   1.000
_cell.angle_alpha   90.00
_cell.angle_beta   90.00
_cell.angle_gamma   90.00
#
_symmetry.space_group_name_H-M   'P 1'
#
loop_
_entity.id
_entity.type
_entity.pdbx_description
1 polymer UTEROGLOBIN
2 non-polymer "4,4'-BIS([H]METHYLSULFONYL)-2,2',5,5'-TETRACHLOROBIPHENYL"
#
_entity_poly.entity_id   1
_entity_poly.type   'polypeptide(L)'
_entity_poly.pdbx_seq_one_letter_code
;MKIAITITVLMLSICCSSASSDICPGFLQVLEALLLGSESNYEAALKPFNPASDLQNAGTQLKRLVDTLPQETRINIVKL
TEKILTSPLCEQDLRV
;
_entity_poly.pdbx_strand_id   A,B
#
# COMPACT_ATOMS: atom_id res chain seq x y z
N ILE A 23 -12.98 -4.66 7.78
CA ILE A 23 -11.74 -3.94 7.41
C ILE A 23 -11.90 -3.32 6.02
N CYS A 24 -12.75 -3.88 5.20
CA CYS A 24 -12.95 -3.33 3.84
C CYS A 24 -13.35 -1.85 3.93
N PRO A 25 -14.40 -1.58 4.67
CA PRO A 25 -14.90 -0.20 4.84
C PRO A 25 -13.83 0.67 5.50
N GLY A 26 -13.48 0.38 6.72
CA GLY A 26 -12.44 1.20 7.42
C GLY A 26 -11.09 0.98 6.74
N PHE A 27 -10.80 1.72 5.70
CA PHE A 27 -9.49 1.56 5.00
C PHE A 27 -9.53 2.31 3.67
N LEU A 28 -10.70 2.49 3.11
CA LEU A 28 -10.78 3.22 1.81
C LEU A 28 -10.47 4.70 2.03
N GLN A 29 -10.88 5.25 3.14
CA GLN A 29 -10.58 6.68 3.40
C GLN A 29 -9.08 6.86 3.25
N VAL A 30 -8.34 5.80 3.41
CA VAL A 30 -6.87 5.86 3.27
C VAL A 30 -6.49 5.50 1.83
N LEU A 31 -7.29 4.70 1.17
CA LEU A 31 -6.98 4.35 -0.23
C LEU A 31 -6.96 5.63 -1.07
N GLU A 32 -7.90 6.51 -0.83
CA GLU A 32 -7.94 7.78 -1.60
C GLU A 32 -6.92 8.75 -0.99
N ALA A 33 -6.97 8.93 0.31
CA ALA A 33 -6.00 9.85 0.97
C ALA A 33 -4.58 9.42 0.60
N LEU A 34 -4.44 8.20 0.19
CA LEU A 34 -3.09 7.68 -0.19
C LEU A 34 -2.80 7.99 -1.67
N LEU A 35 -3.65 7.57 -2.56
CA LEU A 35 -3.40 7.82 -4.01
C LEU A 35 -4.20 9.05 -4.47
N LEU A 36 -5.44 9.15 -4.10
CA LEU A 36 -6.26 10.30 -4.52
C LEU A 36 -6.13 11.43 -3.51
N GLY A 37 -5.11 11.39 -2.70
CA GLY A 37 -4.92 12.46 -1.69
C GLY A 37 -3.50 13.01 -1.78
N SER A 38 -3.20 14.03 -1.02
CA SER A 38 -1.82 14.62 -1.06
C SER A 38 -1.29 14.71 0.36
N GLU A 39 -2.12 15.09 1.30
CA GLU A 39 -1.67 15.21 2.71
C GLU A 39 -2.79 15.81 3.55
N SER A 40 -2.78 15.58 4.83
CA SER A 40 -3.86 16.10 5.72
C SER A 40 -5.04 15.12 5.68
N ASN A 41 -5.40 14.67 4.51
CA ASN A 41 -6.52 13.69 4.41
C ASN A 41 -5.98 12.29 4.75
N TYR A 42 -4.75 12.04 4.42
CA TYR A 42 -4.16 10.70 4.73
C TYR A 42 -3.95 10.58 6.23
N GLU A 43 -3.24 11.49 6.82
CA GLU A 43 -3.01 11.43 8.29
C GLU A 43 -4.35 11.60 9.00
N ALA A 44 -5.12 12.57 8.60
CA ALA A 44 -6.44 12.77 9.23
C ALA A 44 -7.29 11.53 9.00
N ALA A 45 -7.03 10.83 7.93
CA ALA A 45 -7.79 9.60 7.63
C ALA A 45 -7.36 8.50 8.60
N LEU A 46 -6.14 8.57 9.07
CA LEU A 46 -5.63 7.56 10.02
C LEU A 46 -6.11 7.92 11.44
N LYS A 47 -6.64 9.09 11.62
CA LYS A 47 -7.12 9.51 12.96
C LYS A 47 -8.00 8.42 13.59
N PRO A 48 -9.02 8.02 12.87
CA PRO A 48 -9.96 6.98 13.35
C PRO A 48 -9.22 5.67 13.60
N PHE A 49 -8.13 5.45 12.94
CA PHE A 49 -7.36 4.19 13.14
C PHE A 49 -6.34 4.38 14.26
N ASN A 50 -6.11 5.60 14.64
CA ASN A 50 -5.14 5.89 15.74
C ASN A 50 -3.92 4.96 15.63
N PRO A 51 -3.19 5.11 14.54
CA PRO A 51 -1.98 4.31 14.30
C PRO A 51 -0.94 4.61 15.38
N ALA A 52 -0.22 3.62 15.82
CA ALA A 52 0.80 3.85 16.88
C ALA A 52 1.69 5.04 16.49
N SER A 53 2.64 5.38 17.31
CA SER A 53 3.53 6.54 17.00
C SER A 53 4.27 6.27 15.69
N ASP A 54 5.44 5.69 15.77
CA ASP A 54 6.22 5.40 14.52
C ASP A 54 5.29 4.87 13.44
N LEU A 55 4.50 3.89 13.73
CA LEU A 55 3.57 3.35 12.72
C LEU A 55 2.98 4.48 11.90
N GLN A 56 2.39 5.44 12.56
CA GLN A 56 1.81 6.59 11.82
C GLN A 56 2.92 7.28 11.02
N ASN A 57 4.08 7.43 11.61
CA ASN A 57 5.20 8.08 10.90
C ASN A 57 5.36 7.44 9.53
N ALA A 58 5.39 6.13 9.49
CA ALA A 58 5.56 5.41 8.21
C ALA A 58 4.39 5.72 7.28
N GLY A 59 3.22 5.94 7.83
CA GLY A 59 2.05 6.25 6.95
C GLY A 59 2.21 7.65 6.36
N THR A 60 2.85 8.53 7.07
CA THR A 60 3.04 9.90 6.50
C THR A 60 3.91 9.79 5.25
N GLN A 61 5.07 9.20 5.38
CA GLN A 61 5.94 9.07 4.21
C GLN A 61 5.17 8.30 3.14
N LEU A 62 4.46 7.29 3.56
CA LEU A 62 3.64 6.50 2.61
C LEU A 62 2.93 7.45 1.66
N LYS A 63 2.47 8.57 2.15
CA LYS A 63 1.78 9.56 1.28
C LYS A 63 2.80 10.25 0.37
N ARG A 64 3.93 10.61 0.91
CA ARG A 64 4.96 11.30 0.07
C ARG A 64 5.29 10.43 -1.15
N LEU A 65 5.64 9.20 -0.94
CA LEU A 65 5.95 8.30 -2.07
C LEU A 65 4.84 8.38 -3.11
N VAL A 66 3.63 8.67 -2.70
CA VAL A 66 2.52 8.76 -3.67
C VAL A 66 2.58 10.10 -4.41
N ASP A 67 2.94 11.15 -3.72
CA ASP A 67 3.03 12.48 -4.38
C ASP A 67 4.45 12.66 -4.93
N THR A 68 5.14 11.59 -5.17
CA THR A 68 6.53 11.69 -5.70
C THR A 68 6.62 10.93 -7.03
N LEU A 69 5.57 10.27 -7.42
CA LEU A 69 5.58 9.51 -8.70
C LEU A 69 4.78 10.28 -9.76
N PRO A 70 4.98 9.92 -11.00
CA PRO A 70 4.28 10.57 -12.12
C PRO A 70 2.77 10.41 -11.96
N GLN A 71 2.02 10.66 -13.00
CA GLN A 71 0.54 10.53 -12.90
C GLN A 71 0.13 9.09 -13.23
N GLU A 72 0.64 8.54 -14.29
CA GLU A 72 0.27 7.14 -14.64
C GLU A 72 0.66 6.19 -13.51
N THR A 73 1.76 6.42 -12.85
CA THR A 73 2.14 5.52 -11.73
C THR A 73 1.11 5.68 -10.62
N ARG A 74 0.46 6.80 -10.55
CA ARG A 74 -0.57 7.00 -9.50
C ARG A 74 -1.80 6.18 -9.89
N ILE A 75 -2.40 6.48 -11.01
CA ILE A 75 -3.58 5.68 -11.45
C ILE A 75 -3.15 4.24 -11.61
N ASN A 76 -1.88 3.99 -11.65
CA ASN A 76 -1.43 2.60 -11.83
C ASN A 76 -1.55 1.87 -10.49
N ILE A 77 -0.80 2.27 -9.50
CA ILE A 77 -0.91 1.58 -8.18
C ILE A 77 -2.38 1.61 -7.71
N VAL A 78 -3.16 2.55 -8.16
CA VAL A 78 -4.58 2.59 -7.74
C VAL A 78 -5.36 1.62 -8.62
N LYS A 79 -5.00 1.61 -9.87
CA LYS A 79 -5.65 0.70 -10.86
C LYS A 79 -4.85 -0.61 -10.89
N LEU A 80 -3.91 -0.74 -9.99
CA LEU A 80 -3.03 -1.93 -9.92
C LEU A 80 -3.38 -2.70 -8.66
N THR A 81 -3.52 -2.02 -7.57
CA THR A 81 -3.85 -2.71 -6.30
C THR A 81 -5.15 -3.48 -6.48
N GLU A 82 -5.91 -3.14 -7.49
CA GLU A 82 -7.20 -3.86 -7.71
C GLU A 82 -6.92 -5.15 -8.47
N LYS A 83 -6.06 -5.09 -9.46
CA LYS A 83 -5.74 -6.31 -10.24
C LYS A 83 -4.98 -7.29 -9.34
N ILE A 84 -4.29 -6.80 -8.34
CA ILE A 84 -3.55 -7.70 -7.43
C ILE A 84 -4.49 -8.24 -6.35
N LEU A 85 -5.31 -7.39 -5.81
CA LEU A 85 -6.25 -7.82 -4.75
C LEU A 85 -7.57 -8.27 -5.38
N THR A 86 -8.35 -7.33 -5.87
CA THR A 86 -9.65 -7.71 -6.48
C THR A 86 -9.44 -8.06 -7.96
N SER A 87 -8.60 -9.02 -8.22
CA SER A 87 -8.35 -9.42 -9.64
C SER A 87 -9.59 -10.14 -10.19
N PRO A 88 -10.23 -9.54 -11.16
CA PRO A 88 -11.43 -10.12 -11.78
C PRO A 88 -11.11 -11.48 -12.41
N LEU A 89 -11.92 -11.93 -13.32
CA LEU A 89 -11.65 -13.25 -13.96
C LEU A 89 -11.66 -14.34 -12.89
N CYS A 90 -11.21 -15.52 -13.24
CA CYS A 90 -11.19 -16.63 -12.25
C CYS A 90 -10.62 -16.12 -10.92
N ILE B 23 -10.44 -11.81 -1.56
CA ILE B 23 -9.31 -10.87 -1.81
C ILE B 23 -8.33 -10.91 -0.64
N CYS B 24 -8.80 -11.27 0.52
CA CYS B 24 -7.89 -11.33 1.70
C CYS B 24 -6.71 -12.26 1.40
N PRO B 25 -7.01 -13.48 1.03
CA PRO B 25 -5.97 -14.47 0.70
C PRO B 25 -5.11 -13.99 -0.47
N GLY B 26 -5.69 -13.86 -1.62
CA GLY B 26 -4.89 -13.40 -2.81
C GLY B 26 -4.49 -11.93 -2.61
N PHE B 27 -3.39 -11.70 -1.93
CA PHE B 27 -2.94 -10.29 -1.70
C PHE B 27 -1.82 -10.30 -0.66
N LEU B 28 -1.79 -11.27 0.22
CA LEU B 28 -0.72 -11.30 1.24
C LEU B 28 0.62 -11.62 0.59
N GLN B 29 0.63 -12.47 -0.42
CA GLN B 29 1.91 -12.78 -1.09
C GLN B 29 2.54 -11.45 -1.51
N VAL B 30 1.73 -10.44 -1.66
CA VAL B 30 2.24 -9.11 -2.04
C VAL B 30 2.52 -8.30 -0.78
N LEU B 31 1.80 -8.57 0.28
CA LEU B 31 2.04 -7.82 1.55
C LEU B 31 3.48 -8.07 2.00
N GLU B 32 3.93 -9.30 1.89
CA GLU B 32 5.33 -9.62 2.28
C GLU B 32 6.28 -9.21 1.15
N ALA B 33 5.98 -9.63 -0.05
CA ALA B 33 6.85 -9.25 -1.20
C ALA B 33 6.99 -7.73 -1.24
N LEU B 34 6.07 -7.05 -0.61
CA LEU B 34 6.10 -5.55 -0.61
C LEU B 34 6.97 -5.06 0.55
N LEU B 35 6.65 -5.46 1.76
CA LEU B 35 7.44 -4.99 2.94
C LEU B 35 8.48 -6.03 3.32
N LEU B 36 8.10 -7.28 3.39
CA LEU B 36 9.06 -8.34 3.79
C LEU B 36 9.77 -8.88 2.54
N GLY B 37 9.74 -8.14 1.47
CA GLY B 37 10.41 -8.60 0.23
C GLY B 37 11.33 -7.50 -0.30
N SER B 38 12.07 -7.80 -1.34
CA SER B 38 12.99 -6.77 -1.90
C SER B 38 12.74 -6.65 -3.41
N GLU B 39 12.54 -7.77 -4.06
CA GLU B 39 12.28 -7.74 -5.53
C GLU B 39 12.22 -9.18 -6.05
N SER B 40 11.59 -9.38 -7.17
CA SER B 40 11.45 -10.76 -7.74
C SER B 40 10.26 -11.44 -7.07
N ASN B 41 10.14 -11.32 -5.78
CA ASN B 41 8.99 -11.95 -5.07
C ASN B 41 7.77 -11.03 -5.23
N TYR B 42 7.99 -9.75 -5.28
CA TYR B 42 6.86 -8.80 -5.44
C TYR B 42 6.28 -8.93 -6.85
N GLU B 43 7.12 -8.77 -7.86
CA GLU B 43 6.61 -8.89 -9.25
C GLU B 43 6.15 -10.33 -9.48
N ALA B 44 6.95 -11.28 -9.08
CA ALA B 44 6.55 -12.69 -9.26
C ALA B 44 5.28 -12.94 -8.47
N ALA B 45 5.08 -12.18 -7.41
CA ALA B 45 3.87 -12.35 -6.58
C ALA B 45 2.67 -11.80 -7.36
N LEU B 46 2.91 -10.84 -8.21
CA LEU B 46 1.82 -10.24 -9.01
C LEU B 46 1.53 -11.14 -10.22
N LYS B 47 2.38 -12.09 -10.49
CA LYS B 47 2.17 -12.99 -11.65
C LYS B 47 0.72 -13.54 -11.66
N PRO B 48 0.33 -14.13 -10.56
CA PRO B 48 -1.02 -14.71 -10.43
C PRO B 48 -2.09 -13.62 -10.59
N PHE B 49 -1.75 -12.40 -10.31
CA PHE B 49 -2.74 -11.30 -10.44
C PHE B 49 -2.67 -10.72 -11.86
N ASN B 50 -1.63 -11.05 -12.59
CA ASN B 50 -1.49 -10.54 -13.98
C ASN B 50 -1.94 -9.08 -14.07
N PRO B 51 -1.23 -8.23 -13.36
CA PRO B 51 -1.54 -6.79 -13.37
C PRO B 51 -1.34 -6.22 -14.77
N ALA B 52 -2.19 -5.30 -15.19
CA ALA B 52 -2.05 -4.72 -16.54
C ALA B 52 -0.60 -4.28 -16.77
N SER B 53 -0.31 -3.74 -17.93
CA SER B 53 1.08 -3.30 -18.22
C SER B 53 1.49 -2.22 -17.22
N ASP B 54 1.26 -0.97 -17.55
CA ASP B 54 1.65 0.13 -16.62
C ASP B 54 1.29 -0.25 -15.19
N LEU B 55 0.07 -0.67 -14.95
CA LEU B 55 -0.33 -1.06 -13.58
C LEU B 55 0.82 -1.81 -12.91
N GLN B 56 1.28 -2.86 -13.53
CA GLN B 56 2.41 -3.63 -12.94
C GLN B 56 3.61 -2.68 -12.75
N ASN B 57 3.86 -1.85 -13.72
CA ASN B 57 5.00 -0.91 -13.60
C ASN B 57 4.94 -0.19 -12.26
N ALA B 58 3.79 0.32 -11.93
CA ALA B 58 3.62 1.04 -10.65
C ALA B 58 3.89 0.10 -9.48
N GLY B 59 3.58 -1.16 -9.63
CA GLY B 59 3.82 -2.12 -8.52
C GLY B 59 5.32 -2.34 -8.37
N THR B 60 6.06 -2.27 -9.44
CA THR B 60 7.52 -2.47 -9.31
C THR B 60 8.09 -1.35 -8.45
N GLN B 61 7.85 -0.12 -8.82
CA GLN B 61 8.36 0.99 -8.01
C GLN B 61 7.82 0.84 -6.59
N LEU B 62 6.58 0.47 -6.50
CA LEU B 62 5.96 0.26 -5.17
C LEU B 62 6.95 -0.50 -4.28
N LYS B 63 7.66 -1.45 -4.85
CA LYS B 63 8.64 -2.22 -4.05
C LYS B 63 9.86 -1.35 -3.73
N ARG B 64 10.32 -0.59 -4.69
CA ARG B 64 11.50 0.29 -4.45
C ARG B 64 11.24 1.19 -3.24
N LEU B 65 10.15 1.90 -3.25
CA LEU B 65 9.82 2.79 -2.12
C LEU B 65 9.93 2.01 -0.81
N VAL B 66 9.72 0.72 -0.85
CA VAL B 66 9.81 -0.09 0.39
C VAL B 66 11.29 -0.35 0.72
N ASP B 67 12.10 -0.57 -0.28
CA ASP B 67 13.55 -0.82 -0.03
C ASP B 67 14.29 0.51 -0.05
N THR B 68 13.60 1.59 0.18
CA THR B 68 14.25 2.92 0.17
C THR B 68 14.05 3.60 1.53
N LEU B 69 13.29 2.99 2.40
CA LEU B 69 13.05 3.59 3.74
C LEU B 69 13.87 2.84 4.80
N PRO B 70 14.03 3.45 5.94
CA PRO B 70 14.80 2.85 7.05
C PRO B 70 14.18 1.51 7.45
N GLN B 71 14.55 0.99 8.59
CA GLN B 71 13.99 -0.30 9.04
C GLN B 71 12.69 -0.08 9.81
N GLU B 72 12.70 0.85 10.74
CA GLU B 72 11.47 1.12 11.53
C GLU B 72 10.34 1.54 10.59
N THR B 73 10.63 2.29 9.56
CA THR B 73 9.55 2.70 8.63
C THR B 73 9.01 1.45 7.93
N ARG B 74 9.83 0.43 7.81
CA ARG B 74 9.36 -0.83 7.17
C ARG B 74 8.42 -1.53 8.14
N ILE B 75 8.90 -1.91 9.29
CA ILE B 75 8.00 -2.58 10.27
C ILE B 75 6.88 -1.62 10.62
N ASN B 76 7.02 -0.37 10.29
CA ASN B 76 5.96 0.58 10.62
C ASN B 76 4.82 0.42 9.62
N ILE B 77 5.04 0.72 8.37
CA ILE B 77 3.95 0.55 7.36
C ILE B 77 3.40 -0.88 7.45
N VAL B 78 4.19 -1.83 7.88
CA VAL B 78 3.68 -3.23 7.97
C VAL B 78 2.89 -3.35 9.27
N LYS B 79 3.41 -2.73 10.29
CA LYS B 79 2.75 -2.74 11.63
C LYS B 79 1.80 -1.53 11.70
N LEU B 80 1.65 -0.85 10.60
CA LEU B 80 0.79 0.35 10.51
C LEU B 80 -0.43 0.02 9.68
N THR B 81 -0.22 -0.60 8.57
CA THR B 81 -1.36 -0.95 7.69
C THR B 81 -2.36 -1.79 8.48
N GLU B 82 -1.92 -2.37 9.57
CA GLU B 82 -2.85 -3.21 10.38
C GLU B 82 -3.67 -2.29 11.28
N LYS B 83 -3.04 -1.32 11.88
CA LYS B 83 -3.79 -0.38 12.76
C LYS B 83 -4.76 0.44 11.93
N ILE B 84 -4.46 0.64 10.67
CA ILE B 84 -5.38 1.43 9.81
C ILE B 84 -6.49 0.52 9.28
N LEU B 85 -6.14 -0.67 8.85
CA LEU B 85 -7.15 -1.60 8.32
C LEU B 85 -7.70 -2.48 9.43
N THR B 86 -6.91 -3.40 9.93
CA THR B 86 -7.40 -4.29 11.02
C THR B 86 -7.16 -3.61 12.37
N SER B 87 -7.71 -2.45 12.56
CA SER B 87 -7.51 -1.73 13.86
C SER B 87 -8.31 -2.45 14.94
N PRO B 88 -7.62 -3.02 15.90
CA PRO B 88 -8.26 -3.74 17.02
C PRO B 88 -9.18 -2.79 17.80
N LEU B 89 -9.51 -3.14 19.02
CA LEU B 89 -10.40 -2.26 19.82
C LEU B 89 -11.75 -2.11 19.12
N CYS B 90 -12.57 -1.20 19.57
CA CYS B 90 -13.89 -1.01 18.92
C CYS B 90 -13.72 -1.00 17.40
#